data_6QWQ
#
_entry.id   6QWQ
#
_cell.length_a   109.600
_cell.length_b   109.600
_cell.length_c   47.980
_cell.angle_alpha   90.00
_cell.angle_beta   90.00
_cell.angle_gamma   120.00
#
_symmetry.space_group_name_H-M   'P 62'
#
loop_
_entity.id
_entity.type
_entity.pdbx_description
1 polymer 'Ferredoxin bilin reductase plastid'
2 non-polymer 'SULFATE ION'
3 water water
#
_entity_poly.entity_id   1
_entity_poly.type   'polypeptide(L)'
_entity_poly.pdbx_seq_one_letter_code
;GGSEAVSDIYKPFWEWAAKTIKERLGDDLVSYPIPDGYLRKEAMVGKGKRESLAWTQSYGYQTKKMRQIRAAHVNGGASL
QVLNLVFFPHMNYDLPFLGLDLVTLPGGHLIAIDMQPLFQTEEYKKKYAEPCMDMYQKHVKNLPWGGDFPEEAKQYFSPV
FLWTRPQEDKQVETYVFEAFKDYINKYLDFVEAAKPVTDPDHLARIRERQLSYLQYRAEKDPARGMFTRMYGPEWTERYI
HGFLFDLEEKMESGEYKTGELLPCSDPLNFQPTPL
;
_entity_poly.pdbx_strand_id   A
#
loop_
_chem_comp.id
_chem_comp.type
_chem_comp.name
_chem_comp.formula
SO4 non-polymer 'SULFATE ION' 'O4 S -2'
#
# COMPACT_ATOMS: atom_id res chain seq x y z
N GLU A 4 19.26 -14.09 17.96
CA GLU A 4 18.44 -14.02 16.74
C GLU A 4 17.41 -12.90 16.84
N ALA A 5 17.21 -12.16 15.75
CA ALA A 5 16.21 -11.12 15.68
C ALA A 5 14.87 -11.70 15.21
N VAL A 6 13.80 -10.97 15.53
CA VAL A 6 12.46 -11.40 15.16
C VAL A 6 12.47 -11.84 13.71
N SER A 7 11.91 -13.03 13.45
CA SER A 7 11.95 -13.61 12.12
C SER A 7 10.96 -12.92 11.19
N ASP A 8 9.70 -12.84 11.61
CA ASP A 8 8.64 -12.27 10.78
C ASP A 8 8.01 -11.10 11.53
N ILE A 9 8.72 -9.97 11.55
CA ILE A 9 8.31 -8.82 12.36
C ILE A 9 7.01 -8.21 11.85
N TYR A 10 6.70 -8.34 10.57
CA TYR A 10 5.48 -7.74 10.04
C TYR A 10 4.30 -8.69 10.03
N LYS A 11 4.46 -9.92 10.54
CA LYS A 11 3.32 -10.82 10.66
C LYS A 11 2.21 -10.21 11.50
N PRO A 12 2.48 -9.71 12.71
CA PRO A 12 1.41 -9.04 13.47
C PRO A 12 0.84 -7.83 12.77
N PHE A 13 1.68 -7.08 12.01
CA PHE A 13 1.17 -5.96 11.23
C PHE A 13 0.11 -6.40 10.24
N TRP A 14 0.43 -7.41 9.41
CA TRP A 14 -0.54 -7.86 8.43
C TRP A 14 -1.80 -8.43 9.09
N GLU A 15 -1.64 -9.20 10.16
CA GLU A 15 -2.79 -9.77 10.84
C GLU A 15 -3.74 -8.68 11.33
N TRP A 16 -3.19 -7.62 11.93
CA TRP A 16 -4.04 -6.51 12.38
C TRP A 16 -4.72 -5.84 11.20
N ALA A 17 -3.97 -5.57 10.14
CA ALA A 17 -4.56 -4.92 8.96
C ALA A 17 -5.69 -5.75 8.39
N ALA A 18 -5.48 -7.07 8.26
CA ALA A 18 -6.51 -7.95 7.74
C ALA A 18 -7.74 -7.92 8.63
N LYS A 19 -7.55 -8.00 9.94
CA LYS A 19 -8.67 -7.94 10.86
C LYS A 19 -9.43 -6.64 10.69
N THR A 20 -8.69 -5.53 10.60
CA THR A 20 -9.32 -4.22 10.50
C THR A 20 -10.06 -4.06 9.17
N ILE A 21 -9.43 -4.45 8.08
CA ILE A 21 -10.09 -4.37 6.77
C ILE A 21 -11.36 -5.20 6.78
N LYS A 22 -11.27 -6.43 7.31
CA LYS A 22 -12.39 -7.35 7.28
C LYS A 22 -13.58 -6.78 8.06
N GLU A 23 -13.30 -6.15 9.20
CA GLU A 23 -14.35 -5.62 10.06
C GLU A 23 -14.93 -4.31 9.52
N ARG A 24 -14.07 -3.35 9.18
CA ARG A 24 -14.55 -2.01 8.84
C ARG A 24 -15.08 -1.91 7.42
N LEU A 25 -14.61 -2.74 6.49
CA LEU A 25 -15.13 -2.75 5.14
C LEU A 25 -15.97 -3.99 4.85
N GLY A 26 -16.28 -4.79 5.88
CA GLY A 26 -16.93 -6.08 5.71
C GLY A 26 -18.04 -6.13 4.68
N ASP A 27 -18.98 -5.18 4.75
CA ASP A 27 -20.16 -5.21 3.89
C ASP A 27 -19.77 -5.34 2.43
N ASP A 28 -18.80 -4.53 1.99
CA ASP A 28 -18.49 -4.32 0.59
C ASP A 28 -17.26 -5.09 0.10
N LEU A 29 -16.46 -5.64 1.02
CA LEU A 29 -15.16 -6.19 0.65
C LEU A 29 -15.33 -7.45 -0.20
N VAL A 30 -14.75 -7.44 -1.40
CA VAL A 30 -14.64 -8.64 -2.22
C VAL A 30 -13.19 -8.81 -2.67
N SER A 31 -12.90 -10.01 -3.16
CA SER A 31 -11.54 -10.31 -3.62
C SER A 31 -11.23 -9.49 -4.85
N TYR A 32 -9.97 -9.07 -4.96
CA TYR A 32 -9.42 -8.51 -6.19
C TYR A 32 -8.62 -9.60 -6.90
N PRO A 33 -8.65 -9.70 -8.23
CA PRO A 33 -7.95 -10.81 -8.91
C PRO A 33 -6.43 -10.73 -8.76
N ILE A 34 -5.83 -11.83 -8.31
CA ILE A 34 -4.38 -11.99 -8.25
C ILE A 34 -3.96 -12.87 -9.44
N PRO A 35 -3.22 -12.35 -10.41
CA PRO A 35 -2.91 -13.16 -11.60
C PRO A 35 -2.25 -14.49 -11.25
N ASP A 36 -2.54 -15.49 -12.06
CA ASP A 36 -2.05 -16.85 -11.82
C ASP A 36 -0.54 -16.86 -11.85
N GLY A 37 0.07 -17.32 -10.76
CA GLY A 37 1.51 -17.31 -10.62
C GLY A 37 2.06 -16.23 -9.71
N TYR A 38 1.21 -15.41 -9.11
CA TYR A 38 1.69 -14.30 -8.29
C TYR A 38 1.06 -14.31 -6.90
N LEU A 39 0.41 -15.40 -6.51
CA LEU A 39 -0.17 -15.51 -5.18
C LEU A 39 0.89 -15.85 -4.14
N ARG A 40 1.74 -16.83 -4.44
CA ARG A 40 2.73 -17.32 -3.49
C ARG A 40 3.91 -17.75 -4.33
N LYS A 41 5.00 -17.00 -4.23
CA LYS A 41 6.20 -17.24 -5.00
C LYS A 41 7.31 -17.51 -4.00
N GLU A 42 8.06 -18.58 -4.21
CA GLU A 42 9.13 -18.99 -3.31
C GLU A 42 10.43 -19.12 -4.10
N ALA A 43 11.53 -18.78 -3.43
CA ALA A 43 12.85 -19.00 -4.00
C ALA A 43 13.81 -19.25 -2.85
N MET A 44 14.93 -19.87 -3.19
CA MET A 44 16.03 -19.99 -2.24
C MET A 44 16.92 -18.77 -2.35
N VAL A 45 17.35 -18.26 -1.20
CA VAL A 45 18.22 -17.10 -1.11
C VAL A 45 19.33 -17.41 -0.13
N GLY A 46 20.52 -16.88 -0.41
CA GLY A 46 21.68 -17.06 0.45
C GLY A 46 22.53 -18.26 0.08
N GLU A 51 21.25 -18.82 4.36
CA GLU A 51 20.58 -19.42 3.21
C GLU A 51 19.26 -20.08 3.60
N SER A 52 18.14 -19.53 3.14
CA SER A 52 16.83 -20.01 3.56
C SER A 52 15.80 -19.83 2.45
N LEU A 53 14.61 -20.37 2.70
CA LEU A 53 13.48 -20.17 1.79
C LEU A 53 12.98 -18.74 1.94
N ALA A 54 12.66 -18.11 0.81
CA ALA A 54 12.19 -16.72 0.78
C ALA A 54 10.93 -16.67 -0.06
N TRP A 55 9.80 -16.37 0.57
CA TRP A 55 8.52 -16.37 -0.11
C TRP A 55 7.91 -14.97 -0.14
N THR A 56 7.06 -14.75 -1.14
CA THR A 56 6.25 -13.54 -1.24
C THR A 56 4.79 -13.96 -1.29
N GLN A 57 4.02 -13.48 -0.32
CA GLN A 57 2.59 -13.74 -0.22
C GLN A 57 1.84 -12.50 -0.68
N SER A 58 0.91 -12.69 -1.60
CA SER A 58 0.05 -11.61 -2.08
C SER A 58 -1.34 -11.69 -1.44
N TYR A 59 -1.93 -10.51 -1.25
CA TYR A 59 -3.32 -10.33 -0.83
C TYR A 59 -3.91 -9.21 -1.65
N GLY A 60 -5.19 -9.35 -1.99
CA GLY A 60 -5.89 -8.38 -2.84
C GLY A 60 -7.38 -8.27 -2.57
N TYR A 61 -7.89 -7.04 -2.42
CA TYR A 61 -9.29 -6.80 -2.14
C TYR A 61 -9.78 -5.57 -2.89
N GLN A 62 -11.09 -5.36 -2.86
CA GLN A 62 -11.70 -4.22 -3.53
C GLN A 62 -13.08 -3.95 -2.90
N THR A 63 -13.52 -2.69 -3.02
CA THR A 63 -14.83 -2.26 -2.59
C THR A 63 -15.39 -1.30 -3.64
N LYS A 64 -16.59 -0.80 -3.38
CA LYS A 64 -17.21 0.18 -4.25
C LYS A 64 -16.37 1.44 -4.39
N LYS A 65 -15.70 1.83 -3.31
CA LYS A 65 -14.84 3.02 -3.33
C LYS A 65 -13.38 2.71 -3.57
N MET A 66 -12.92 1.52 -3.22
CA MET A 66 -11.50 1.14 -3.29
C MET A 66 -11.28 0.30 -4.54
N ARG A 67 -10.58 0.86 -5.53
CA ARG A 67 -10.24 0.10 -6.73
C ARG A 67 -9.43 -1.15 -6.37
N GLN A 68 -8.50 -1.02 -5.42
CA GLN A 68 -7.64 -2.13 -5.04
C GLN A 68 -6.96 -1.85 -3.72
N ILE A 69 -7.07 -2.80 -2.81
CA ILE A 69 -6.25 -2.89 -1.62
C ILE A 69 -5.39 -4.13 -1.82
N ARG A 70 -4.08 -3.97 -1.82
CA ARG A 70 -3.22 -5.12 -2.07
C ARG A 70 -1.98 -5.06 -1.19
N ALA A 71 -1.52 -6.23 -0.79
CA ALA A 71 -0.32 -6.36 0.00
C ALA A 71 0.62 -7.37 -0.65
N ALA A 72 1.90 -7.05 -0.64
CA ALA A 72 2.95 -8.04 -0.82
C ALA A 72 3.65 -8.18 0.51
N HIS A 73 3.64 -9.39 1.04
CA HIS A 73 4.31 -9.71 2.29
C HIS A 73 5.47 -10.62 1.93
N VAL A 74 6.70 -10.11 2.11
CA VAL A 74 7.92 -10.82 1.75
C VAL A 74 8.64 -11.26 3.01
N ASN A 75 9.12 -12.49 3.03
CA ASN A 75 9.91 -12.96 4.15
C ASN A 75 10.98 -13.94 3.66
N GLY A 76 12.23 -13.55 3.84
CA GLY A 76 13.35 -14.44 3.63
C GLY A 76 14.21 -14.51 4.87
N GLY A 77 13.56 -14.58 6.04
CA GLY A 77 14.28 -14.59 7.28
C GLY A 77 14.44 -13.19 7.86
N ALA A 78 15.03 -13.15 9.06
CA ALA A 78 15.21 -11.89 9.76
C ALA A 78 15.82 -10.81 8.87
N SER A 79 16.73 -11.21 8.00
CA SER A 79 17.48 -10.25 7.20
C SER A 79 16.71 -9.67 6.01
N LEU A 80 15.56 -10.25 5.66
CA LEU A 80 14.81 -9.79 4.48
C LEU A 80 13.31 -9.88 4.80
N GLN A 81 12.68 -8.73 5.06
CA GLN A 81 11.26 -8.72 5.37
C GLN A 81 10.64 -7.45 4.82
N VAL A 82 9.56 -7.60 4.06
CA VAL A 82 8.87 -6.46 3.45
C VAL A 82 7.38 -6.65 3.65
N LEU A 83 6.70 -5.58 4.04
CA LEU A 83 5.24 -5.50 3.93
C LEU A 83 4.91 -4.25 3.15
N ASN A 84 4.38 -4.43 1.94
CA ASN A 84 4.05 -3.35 1.02
C ASN A 84 2.53 -3.38 0.85
N LEU A 85 1.83 -2.52 1.60
CA LEU A 85 0.38 -2.46 1.61
C LEU A 85 -0.05 -1.09 1.12
N VAL A 86 -0.91 -1.06 0.11
CA VAL A 86 -1.35 0.19 -0.50
C VAL A 86 -2.82 0.10 -0.81
N PHE A 87 -3.54 1.19 -0.51
CA PHE A 87 -4.96 1.33 -0.81
C PHE A 87 -5.09 2.28 -2.00
N PHE A 88 -5.76 1.81 -3.05
CA PHE A 88 -5.95 2.57 -4.28
C PHE A 88 -7.42 2.91 -4.42
N PRO A 89 -7.82 4.16 -4.31
CA PRO A 89 -9.23 4.49 -4.51
C PRO A 89 -9.62 4.44 -5.98
N HIS A 90 -10.91 4.21 -6.19
CA HIS A 90 -11.47 4.41 -7.52
C HIS A 90 -11.32 5.87 -7.93
N MET A 91 -11.29 6.08 -9.26
CA MET A 91 -11.04 7.36 -9.89
C MET A 91 -12.17 8.37 -9.76
N ASN A 92 -13.35 7.94 -9.34
CA ASN A 92 -14.48 8.84 -9.12
C ASN A 92 -14.52 9.35 -7.68
N TYR A 93 -13.42 9.21 -6.94
CA TYR A 93 -13.24 9.76 -5.61
C TYR A 93 -11.95 10.59 -5.60
N ASP A 94 -11.94 11.65 -4.79
CA ASP A 94 -10.75 12.49 -4.65
C ASP A 94 -9.86 12.04 -3.50
N LEU A 95 -10.10 10.86 -2.95
CA LEU A 95 -9.31 10.35 -1.86
C LEU A 95 -7.81 10.27 -2.21
N PRO A 96 -6.95 10.43 -1.22
CA PRO A 96 -5.54 10.09 -1.42
C PRO A 96 -5.37 8.58 -1.41
N PHE A 97 -4.18 8.16 -1.80
CA PHE A 97 -3.75 6.80 -1.55
C PHE A 97 -3.37 6.66 -0.08
N LEU A 98 -3.31 5.42 0.39
CA LEU A 98 -2.63 5.10 1.63
C LEU A 98 -1.54 4.11 1.30
N GLY A 99 -0.30 4.49 1.55
CA GLY A 99 0.84 3.62 1.34
C GLY A 99 1.56 3.30 2.62
N LEU A 100 1.81 2.02 2.86
CA LEU A 100 2.48 1.55 4.07
C LEU A 100 3.58 0.60 3.58
N ASP A 101 4.78 1.13 3.45
CA ASP A 101 5.92 0.40 2.89
C ASP A 101 6.89 0.16 4.02
N LEU A 102 6.90 -1.05 4.54
CA LEU A 102 7.73 -1.45 5.66
C LEU A 102 8.77 -2.45 5.16
N VAL A 103 10.05 -2.15 5.40
CA VAL A 103 11.16 -2.92 4.86
C VAL A 103 12.20 -3.12 5.96
N THR A 104 12.66 -4.36 6.12
CA THR A 104 13.66 -4.70 7.13
C THR A 104 14.79 -5.45 6.45
N LEU A 105 16.00 -4.95 6.61
CA LEU A 105 17.19 -5.42 5.91
C LEU A 105 18.34 -5.60 6.89
N PRO A 106 19.50 -6.08 6.44
CA PRO A 106 20.66 -6.08 7.34
C PRO A 106 21.04 -4.68 7.79
N GLY A 107 21.04 -3.72 6.86
CA GLY A 107 21.35 -2.34 7.22
C GLY A 107 20.43 -1.76 8.30
N GLY A 108 19.18 -2.18 8.31
CA GLY A 108 18.23 -1.72 9.29
C GLY A 108 16.84 -1.64 8.69
N HIS A 109 15.99 -0.85 9.34
CA HIS A 109 14.58 -0.73 8.97
C HIS A 109 14.35 0.53 8.13
N LEU A 110 13.44 0.41 7.16
CA LEU A 110 13.05 1.52 6.29
C LEU A 110 11.53 1.56 6.28
N ILE A 111 10.96 2.63 6.84
CA ILE A 111 9.53 2.76 7.07
C ILE A 111 9.05 4.02 6.33
N ALA A 112 8.11 3.83 5.40
CA ALA A 112 7.50 4.93 4.67
C ALA A 112 5.99 4.77 4.76
N ILE A 113 5.35 5.66 5.53
CA ILE A 113 3.90 5.65 5.74
C ILE A 113 3.33 6.99 5.33
N ASP A 114 2.36 6.99 4.43
CA ASP A 114 1.82 8.25 3.97
C ASP A 114 0.45 8.05 3.33
N MET A 115 -0.30 9.14 3.28
CA MET A 115 -1.49 9.25 2.44
C MET A 115 -1.11 10.11 1.26
N GLN A 116 -0.55 9.48 0.22
CA GLN A 116 -0.03 10.23 -0.90
C GLN A 116 -1.17 11.00 -1.58
N PRO A 117 -1.09 12.33 -1.66
CA PRO A 117 -2.25 13.10 -2.10
C PRO A 117 -2.31 13.22 -3.60
N LEU A 118 -3.52 13.33 -4.10
CA LEU A 118 -3.69 13.64 -5.51
C LEU A 118 -3.20 15.04 -5.83
N PHE A 119 -3.41 15.99 -4.90
CA PHE A 119 -3.18 17.40 -5.15
C PHE A 119 -2.47 18.01 -3.95
N GLN A 120 -1.74 19.10 -4.21
CA GLN A 120 -1.00 19.81 -3.19
C GLN A 120 -1.57 21.19 -2.92
N THR A 121 -2.81 21.43 -3.32
CA THR A 121 -3.46 22.72 -3.10
C THR A 121 -3.81 22.90 -1.63
N GLU A 122 -4.09 24.15 -1.25
N GLU A 122 -4.12 24.15 -1.27
CA GLU A 122 -4.45 24.41 0.14
CA GLU A 122 -4.57 24.47 0.08
C GLU A 122 -5.78 23.77 0.50
C GLU A 122 -5.89 23.76 0.40
N GLU A 123 -6.70 23.67 -0.46
N GLU A 123 -6.80 23.72 -0.57
CA GLU A 123 -8.01 23.08 -0.17
CA GLU A 123 -8.09 23.07 -0.35
C GLU A 123 -7.90 21.57 -0.01
C GLU A 123 -7.91 21.59 -0.03
N TYR A 124 -7.06 20.91 -0.80
CA TYR A 124 -6.82 19.49 -0.59
C TYR A 124 -6.19 19.24 0.77
N LYS A 125 -5.14 20.00 1.10
CA LYS A 125 -4.51 19.89 2.41
C LYS A 125 -5.52 20.14 3.53
N LYS A 126 -6.32 21.19 3.39
CA LYS A 126 -7.39 21.45 4.35
C LYS A 126 -8.29 20.22 4.53
N LYS A 127 -8.67 19.58 3.42
CA LYS A 127 -9.60 18.45 3.51
C LYS A 127 -8.94 17.20 4.10
N TYR A 128 -7.70 16.88 3.70
CA TYR A 128 -7.14 15.57 4.05
C TYR A 128 -5.90 15.62 4.92
N ALA A 129 -5.09 16.68 4.83
CA ALA A 129 -3.92 16.76 5.67
C ALA A 129 -4.26 17.29 7.05
N GLU A 130 -5.00 18.40 7.12
CA GLU A 130 -5.18 19.05 8.42
C GLU A 130 -5.87 18.15 9.44
N PRO A 131 -6.87 17.34 9.09
CA PRO A 131 -7.44 16.41 10.09
C PRO A 131 -6.46 15.37 10.61
N CYS A 132 -5.30 15.20 9.96
CA CYS A 132 -4.31 14.23 10.41
C CYS A 132 -3.19 14.84 11.23
N MET A 133 -3.13 16.17 11.38
CA MET A 133 -1.94 16.80 11.93
C MET A 133 -1.66 16.30 13.34
N ASP A 134 -2.70 16.16 14.17
CA ASP A 134 -2.51 15.71 15.54
C ASP A 134 -1.88 14.32 15.57
N MET A 135 -2.45 13.39 14.82
CA MET A 135 -1.87 12.05 14.68
C MET A 135 -0.42 12.13 14.23
N TYR A 136 -0.15 12.90 13.17
CA TYR A 136 1.22 13.00 12.65
C TYR A 136 2.19 13.52 13.69
N GLN A 137 1.88 14.68 14.30
CA GLN A 137 2.79 15.24 15.29
C GLN A 137 3.01 14.28 16.45
N LYS A 138 1.98 13.55 16.84
CA LYS A 138 2.15 12.53 17.89
C LYS A 138 3.19 11.49 17.48
N HIS A 139 3.06 10.92 16.28
CA HIS A 139 3.92 9.79 15.93
C HIS A 139 5.29 10.24 15.44
N VAL A 140 5.40 11.40 14.82
CA VAL A 140 6.71 11.82 14.32
C VAL A 140 7.67 12.02 15.49
N LYS A 141 7.15 12.35 16.69
CA LYS A 141 8.00 12.47 17.87
C LYS A 141 8.84 11.22 18.08
N ASN A 142 8.26 10.05 17.83
CA ASN A 142 8.94 8.79 18.03
C ASN A 142 9.60 8.26 16.78
N LEU A 143 9.29 8.82 15.61
CA LEU A 143 9.72 8.28 14.33
C LEU A 143 10.40 9.39 13.52
N PRO A 144 11.61 9.77 13.91
CA PRO A 144 12.25 10.93 13.26
C PRO A 144 12.54 10.72 11.78
N TRP A 145 12.64 11.85 11.08
CA TRP A 145 12.92 11.85 9.66
C TRP A 145 14.06 10.88 9.33
N GLY A 146 13.91 10.17 8.23
CA GLY A 146 14.87 9.16 7.87
C GLY A 146 15.96 9.59 6.91
N GLY A 147 16.11 10.89 6.66
CA GLY A 147 17.14 11.34 5.76
C GLY A 147 16.70 11.51 4.31
N ASP A 148 17.64 11.39 3.38
CA ASP A 148 17.42 11.80 2.00
C ASP A 148 16.42 10.92 1.25
N LYS A 154 8.76 13.94 -4.22
CA LYS A 154 8.32 15.02 -3.35
C LYS A 154 6.93 15.49 -3.75
N GLN A 155 6.65 15.44 -5.06
CA GLN A 155 5.34 15.86 -5.54
C GLN A 155 4.23 14.91 -5.04
N TYR A 156 4.59 13.73 -4.58
CA TYR A 156 3.62 12.78 -4.04
C TYR A 156 3.65 12.70 -2.52
N PHE A 157 4.44 13.55 -1.87
CA PHE A 157 4.46 13.63 -0.41
C PHE A 157 3.23 14.35 0.12
N SER A 158 2.68 13.89 1.23
CA SER A 158 1.73 14.68 1.98
C SER A 158 2.43 15.36 3.14
N PRO A 159 1.78 16.36 3.76
CA PRO A 159 2.38 16.97 4.95
C PRO A 159 2.57 16.00 6.11
N VAL A 160 1.89 14.86 6.11
CA VAL A 160 1.98 13.92 7.21
C VAL A 160 2.77 12.66 6.82
N PHE A 161 3.59 12.74 5.79
CA PHE A 161 4.52 11.67 5.44
C PHE A 161 5.40 11.28 6.61
N LEU A 162 5.33 10.00 7.02
CA LEU A 162 6.24 9.44 8.02
C LEU A 162 7.31 8.63 7.31
N TRP A 163 8.52 9.17 7.26
CA TRP A 163 9.70 8.53 6.69
C TRP A 163 10.73 8.41 7.79
N THR A 164 11.02 7.19 8.22
CA THR A 164 11.85 6.99 9.40
C THR A 164 12.63 5.70 9.27
N ARG A 165 13.74 5.62 10.01
CA ARG A 165 14.61 4.45 10.03
C ARG A 165 14.86 4.00 11.46
N PRO A 166 13.94 3.23 12.03
CA PRO A 166 14.20 2.68 13.37
C PRO A 166 15.42 1.79 13.32
N GLN A 167 16.24 1.86 14.37
CA GLN A 167 17.45 1.05 14.42
C GLN A 167 17.26 -0.25 15.18
N GLU A 168 16.16 -0.40 15.91
CA GLU A 168 15.93 -1.58 16.73
C GLU A 168 14.54 -2.14 16.44
N ASP A 169 14.45 -3.47 16.45
CA ASP A 169 13.18 -4.13 16.16
C ASP A 169 12.10 -3.72 17.15
N LYS A 170 12.48 -3.38 18.37
CA LYS A 170 11.47 -2.99 19.37
C LYS A 170 10.76 -1.70 18.93
N GLN A 171 11.49 -0.76 18.32
CA GLN A 171 10.87 0.46 17.82
C GLN A 171 9.83 0.15 16.75
N VAL A 172 10.10 -0.85 15.90
CA VAL A 172 9.14 -1.23 14.88
C VAL A 172 7.90 -1.84 15.53
N GLU A 173 8.09 -2.71 16.53
CA GLU A 173 6.97 -3.44 17.11
C GLU A 173 6.09 -2.56 17.98
N THR A 174 6.57 -1.39 18.40
CA THR A 174 5.80 -0.46 19.21
C THR A 174 5.42 0.78 18.39
N TYR A 175 6.36 1.72 18.27
CA TYR A 175 6.05 3.02 17.69
C TYR A 175 5.54 2.89 16.25
N VAL A 176 6.26 2.12 15.41
CA VAL A 176 5.85 2.01 14.01
C VAL A 176 4.47 1.35 13.93
N PHE A 177 4.23 0.37 14.81
CA PHE A 177 2.98 -0.38 14.79
C PHE A 177 1.80 0.52 15.15
N GLU A 178 1.97 1.37 16.15
CA GLU A 178 0.89 2.29 16.52
C GLU A 178 0.62 3.32 15.43
N ALA A 179 1.67 3.82 14.78
CA ALA A 179 1.48 4.73 13.65
C ALA A 179 0.77 4.02 12.50
N PHE A 180 1.30 2.86 12.09
CA PHE A 180 0.63 1.98 11.13
C PHE A 180 -0.86 1.90 11.39
N LYS A 181 -1.23 1.56 12.63
CA LYS A 181 -2.62 1.39 13.02
C LYS A 181 -3.42 2.69 12.88
N ASP A 182 -2.87 3.79 13.39
CA ASP A 182 -3.61 5.04 13.37
C ASP A 182 -3.87 5.51 11.94
N TYR A 183 -2.86 5.40 11.06
CA TYR A 183 -3.02 5.90 9.69
C TYR A 183 -4.04 5.08 8.92
N ILE A 184 -4.06 3.75 9.14
CA ILE A 184 -5.08 2.92 8.50
C ILE A 184 -6.48 3.33 8.98
N ASN A 185 -6.65 3.49 10.29
CA ASN A 185 -7.96 3.85 10.81
C ASN A 185 -8.40 5.23 10.34
N LYS A 186 -7.50 6.20 10.35
CA LYS A 186 -7.82 7.54 9.87
C LYS A 186 -8.15 7.54 8.39
N TYR A 187 -7.42 6.74 7.60
CA TYR A 187 -7.72 6.65 6.18
C TYR A 187 -9.10 6.04 5.96
N LEU A 188 -9.43 4.99 6.69
CA LEU A 188 -10.72 4.37 6.48
C LEU A 188 -11.85 5.31 6.95
N ASP A 189 -11.58 6.19 7.92
CA ASP A 189 -12.51 7.29 8.18
C ASP A 189 -12.74 8.12 6.90
N PHE A 190 -11.67 8.56 6.24
CA PHE A 190 -11.83 9.35 5.02
C PHE A 190 -12.65 8.57 3.98
N VAL A 191 -12.39 7.27 3.84
CA VAL A 191 -13.06 6.49 2.80
C VAL A 191 -14.56 6.44 3.07
N GLU A 192 -14.96 6.19 4.32
CA GLU A 192 -16.37 6.17 4.66
C GLU A 192 -17.05 7.49 4.27
N ALA A 193 -16.42 8.63 4.58
CA ALA A 193 -17.02 9.93 4.31
C ALA A 193 -16.94 10.35 2.84
N ALA A 194 -16.04 9.77 2.06
CA ALA A 194 -15.84 10.25 0.70
C ALA A 194 -17.06 9.98 -0.17
N LYS A 195 -17.35 10.93 -1.05
CA LYS A 195 -18.48 10.90 -1.94
C LYS A 195 -18.02 10.99 -3.39
N PRO A 196 -18.75 10.35 -4.30
CA PRO A 196 -18.35 10.37 -5.71
C PRO A 196 -18.21 11.78 -6.28
N VAL A 197 -17.15 11.97 -7.06
CA VAL A 197 -16.97 13.21 -7.83
C VAL A 197 -17.70 13.02 -9.16
N THR A 198 -18.62 13.94 -9.46
CA THR A 198 -19.36 13.88 -10.72
C THR A 198 -18.93 14.93 -11.72
N ASP A 199 -18.30 16.00 -11.29
CA ASP A 199 -17.85 17.04 -12.20
C ASP A 199 -16.83 16.48 -13.20
N PRO A 200 -17.11 16.54 -14.51
CA PRO A 200 -16.17 15.94 -15.48
C PRO A 200 -14.77 16.54 -15.47
N ASP A 201 -14.66 17.85 -15.22
CA ASP A 201 -13.36 18.51 -15.16
C ASP A 201 -12.55 18.01 -13.97
N HIS A 202 -13.20 17.81 -12.83
N HIS A 202 -13.21 17.82 -12.82
CA HIS A 202 -12.50 17.27 -11.67
CA HIS A 202 -12.54 17.26 -11.65
C HIS A 202 -12.13 15.80 -11.87
C HIS A 202 -12.12 15.81 -11.90
N LEU A 203 -12.99 15.02 -12.54
CA LEU A 203 -12.66 13.63 -12.84
C LEU A 203 -11.44 13.52 -13.75
N ALA A 204 -11.32 14.44 -14.71
CA ALA A 204 -10.19 14.40 -15.62
C ALA A 204 -8.88 14.66 -14.89
N ARG A 205 -8.88 15.58 -13.91
CA ARG A 205 -7.67 15.86 -13.15
C ARG A 205 -7.36 14.73 -12.16
N ILE A 206 -8.40 14.13 -11.55
CA ILE A 206 -8.17 13.01 -10.63
C ILE A 206 -7.48 11.87 -11.35
N ARG A 207 -7.98 11.54 -12.55
CA ARG A 207 -7.41 10.48 -13.37
C ARG A 207 -5.97 10.78 -13.77
N GLU A 208 -5.70 12.01 -14.18
CA GLU A 208 -4.33 12.42 -14.48
C GLU A 208 -3.40 12.21 -13.30
N ARG A 209 -3.81 12.67 -12.11
CA ARG A 209 -2.94 12.53 -10.95
C ARG A 209 -2.77 11.07 -10.57
N GLN A 210 -3.83 10.26 -10.68
CA GLN A 210 -3.70 8.84 -10.36
C GLN A 210 -2.73 8.15 -11.31
N LEU A 211 -2.87 8.39 -12.61
CA LEU A 211 -2.00 7.78 -13.60
C LEU A 211 -0.55 8.22 -13.43
N SER A 212 -0.32 9.50 -13.15
CA SER A 212 1.05 9.97 -12.92
C SER A 212 1.67 9.27 -11.73
N TYR A 213 0.95 9.16 -10.62
CA TYR A 213 1.50 8.50 -9.45
C TYR A 213 1.78 7.02 -9.72
N LEU A 214 0.84 6.32 -10.33
CA LEU A 214 1.03 4.89 -10.54
C LEU A 214 2.14 4.62 -11.54
N GLN A 215 2.23 5.43 -12.60
CA GLN A 215 3.36 5.32 -13.52
C GLN A 215 4.69 5.51 -12.78
N TYR A 216 4.76 6.52 -11.91
CA TYR A 216 5.97 6.75 -11.13
C TYR A 216 6.32 5.52 -10.28
N ARG A 217 5.33 4.95 -9.58
CA ARG A 217 5.61 3.81 -8.73
C ARG A 217 6.02 2.59 -9.56
N ALA A 218 5.26 2.29 -10.62
CA ALA A 218 5.55 1.12 -11.44
C ALA A 218 6.95 1.20 -12.02
N GLU A 219 7.41 2.40 -12.38
CA GLU A 219 8.68 2.56 -13.05
C GLU A 219 9.86 2.63 -12.09
N LYS A 220 9.66 3.20 -10.90
CA LYS A 220 10.77 3.50 -10.00
C LYS A 220 10.71 2.77 -8.67
N ASP A 221 9.79 1.83 -8.48
CA ASP A 221 9.65 1.19 -7.18
C ASP A 221 10.96 0.50 -6.79
N PRO A 222 11.41 0.61 -5.53
CA PRO A 222 12.68 0.01 -5.14
C PRO A 222 12.64 -1.49 -4.95
N ALA A 223 11.46 -2.11 -4.92
CA ALA A 223 11.42 -3.56 -4.81
C ALA A 223 11.88 -4.24 -6.09
N ARG A 224 11.84 -3.52 -7.23
CA ARG A 224 12.25 -4.11 -8.49
C ARG A 224 13.60 -4.81 -8.35
N GLY A 225 14.58 -4.13 -7.75
CA GLY A 225 15.88 -4.75 -7.58
C GLY A 225 15.83 -6.01 -6.75
N MET A 226 15.10 -5.97 -5.63
CA MET A 226 15.01 -7.12 -4.74
C MET A 226 14.31 -8.29 -5.42
N PHE A 227 13.16 -8.02 -6.05
CA PHE A 227 12.40 -9.08 -6.69
C PHE A 227 13.14 -9.65 -7.89
N THR A 228 13.88 -8.82 -8.63
CA THR A 228 14.63 -9.33 -9.77
C THR A 228 15.70 -10.32 -9.29
N ARG A 229 16.37 -10.03 -8.18
CA ARG A 229 17.38 -10.95 -7.68
C ARG A 229 16.75 -12.26 -7.20
N MET A 230 15.57 -12.19 -6.58
CA MET A 230 14.96 -13.38 -6.01
C MET A 230 14.25 -14.23 -7.06
N TYR A 231 13.58 -13.62 -8.03
CA TYR A 231 12.72 -14.36 -8.96
C TYR A 231 12.95 -14.04 -10.43
N GLY A 232 13.89 -13.16 -10.75
CA GLY A 232 14.16 -12.85 -12.13
C GLY A 232 13.34 -11.69 -12.66
N PRO A 233 13.75 -11.14 -13.81
CA PRO A 233 13.12 -9.90 -14.28
C PRO A 233 11.69 -10.08 -14.75
N GLU A 234 11.37 -11.16 -15.47
CA GLU A 234 10.03 -11.30 -16.03
C GLU A 234 8.98 -11.31 -14.93
N TRP A 235 9.19 -12.16 -13.92
CA TRP A 235 8.24 -12.22 -12.82
C TRP A 235 8.12 -10.86 -12.13
N THR A 236 9.25 -10.18 -11.95
CA THR A 236 9.25 -8.89 -11.28
C THR A 236 8.43 -7.87 -12.07
N GLU A 237 8.62 -7.81 -13.39
CA GLU A 237 7.89 -6.82 -14.18
C GLU A 237 6.40 -7.11 -14.18
N ARG A 238 6.03 -8.38 -14.28
CA ARG A 238 4.62 -8.75 -14.26
C ARG A 238 3.99 -8.46 -12.92
N TYR A 239 4.71 -8.72 -11.83
CA TYR A 239 4.19 -8.42 -10.49
C TYR A 239 3.96 -6.92 -10.34
N ILE A 240 4.93 -6.11 -10.78
CA ILE A 240 4.87 -4.67 -10.55
C ILE A 240 3.81 -4.04 -11.42
N HIS A 241 3.88 -4.26 -12.74
CA HIS A 241 2.94 -3.64 -13.65
C HIS A 241 1.61 -4.37 -13.70
N GLY A 242 1.55 -5.63 -13.26
CA GLY A 242 0.35 -6.41 -13.42
C GLY A 242 -0.41 -6.66 -12.14
N PHE A 243 0.17 -6.27 -11.00
CA PHE A 243 -0.54 -6.40 -9.75
C PHE A 243 -0.29 -5.21 -8.84
N LEU A 244 0.96 -5.01 -8.41
CA LEU A 244 1.26 -4.03 -7.36
C LEU A 244 0.86 -2.61 -7.79
N PHE A 245 1.13 -2.24 -9.03
CA PHE A 245 0.83 -0.92 -9.58
C PHE A 245 0.24 -1.14 -10.97
N ASP A 246 -0.97 -1.69 -10.98
CA ASP A 246 -1.55 -2.28 -12.18
C ASP A 246 -2.57 -1.40 -12.89
N LEU A 247 -2.80 -0.16 -12.44
CA LEU A 247 -3.87 0.64 -13.01
C LEU A 247 -3.73 0.77 -14.53
N GLU A 248 -2.53 1.09 -14.99
CA GLU A 248 -2.33 1.38 -16.40
C GLU A 248 -2.64 0.16 -17.26
N GLU A 249 -2.22 -1.03 -16.82
CA GLU A 249 -2.56 -2.25 -17.55
C GLU A 249 -4.06 -2.45 -17.61
N LYS A 250 -4.73 -2.31 -16.46
CA LYS A 250 -6.17 -2.53 -16.41
C LYS A 250 -6.92 -1.52 -17.26
N MET A 251 -6.40 -0.29 -17.35
CA MET A 251 -7.05 0.70 -18.21
C MET A 251 -6.81 0.39 -19.68
N GLU A 252 -5.55 0.19 -20.07
CA GLU A 252 -5.27 -0.17 -21.46
C GLU A 252 -6.04 -1.40 -21.88
N SER A 253 -6.23 -2.34 -20.94
CA SER A 253 -6.96 -3.56 -21.23
C SER A 253 -8.42 -3.30 -21.54
N GLY A 254 -9.00 -2.27 -20.94
CA GLY A 254 -10.43 -2.09 -20.95
C GLY A 254 -11.14 -2.74 -19.79
N GLU A 255 -10.41 -3.41 -18.90
CA GLU A 255 -11.04 -4.02 -17.73
C GLU A 255 -11.50 -2.96 -16.74
N TYR A 256 -10.71 -1.91 -16.56
CA TYR A 256 -11.04 -0.92 -15.56
C TYR A 256 -12.22 -0.09 -16.03
N LYS A 257 -13.29 -0.10 -15.25
CA LYS A 257 -14.42 0.80 -15.42
C LYS A 257 -14.59 1.56 -14.12
N THR A 258 -14.47 2.89 -14.19
CA THR A 258 -14.41 3.71 -12.99
C THR A 258 -15.56 3.40 -12.04
N GLY A 259 -15.22 3.15 -10.78
CA GLY A 259 -16.19 2.85 -9.75
C GLY A 259 -16.76 1.44 -9.80
N GLU A 260 -16.41 0.63 -10.79
CA GLU A 260 -17.03 -0.68 -10.97
C GLU A 260 -16.10 -1.80 -10.51
N LEU A 261 -16.68 -2.75 -9.80
CA LEU A 261 -15.96 -3.92 -9.32
C LEU A 261 -15.29 -4.65 -10.47
N LEU A 262 -14.10 -5.18 -10.20
CA LEU A 262 -13.41 -6.03 -11.15
C LEU A 262 -13.85 -7.47 -10.89
N PRO A 263 -14.39 -8.19 -11.87
CA PRO A 263 -14.98 -9.51 -11.57
C PRO A 263 -13.92 -10.49 -11.09
N CYS A 264 -14.23 -11.18 -10.00
CA CYS A 264 -13.33 -12.17 -9.42
C CYS A 264 -14.13 -13.04 -8.47
N SER A 265 -14.08 -14.35 -8.69
CA SER A 265 -14.83 -15.33 -7.90
C SER A 265 -14.05 -15.86 -6.71
N ASP A 266 -12.75 -15.64 -6.66
CA ASP A 266 -11.95 -16.13 -5.54
C ASP A 266 -12.57 -15.67 -4.22
N PRO A 267 -12.58 -16.50 -3.19
CA PRO A 267 -13.08 -16.05 -1.89
C PRO A 267 -12.05 -15.19 -1.18
N LEU A 268 -12.54 -14.39 -0.23
CA LEU A 268 -11.66 -13.57 0.58
C LEU A 268 -10.62 -14.43 1.28
N ASN A 269 -9.36 -14.03 1.16
CA ASN A 269 -8.26 -14.67 1.85
C ASN A 269 -7.47 -13.63 2.64
N PHE A 270 -7.07 -14.00 3.86
CA PHE A 270 -6.31 -13.14 4.76
C PHE A 270 -5.12 -13.84 5.38
N GLN A 271 -4.86 -15.09 5.01
CA GLN A 271 -3.84 -15.92 5.61
C GLN A 271 -2.94 -16.51 4.53
N PRO A 272 -1.73 -16.92 4.91
CA PRO A 272 -0.81 -17.50 3.92
C PRO A 272 -1.43 -18.67 3.15
N THR A 273 -1.09 -18.76 1.88
CA THR A 273 -1.65 -19.81 1.03
C THR A 273 -0.59 -20.84 0.72
N PRO A 274 -0.54 -21.97 1.46
CA PRO A 274 0.50 -22.99 1.21
C PRO A 274 0.71 -23.30 -0.26
N LEU A 275 1.95 -23.16 -0.71
CA LEU A 275 2.30 -23.56 -2.08
C LEU A 275 2.51 -25.07 -2.09
S SO4 B . -6.10 -2.35 18.66
O1 SO4 B . -4.84 -3.08 18.57
O2 SO4 B . -6.36 -2.03 20.07
O3 SO4 B . -6.01 -1.11 17.89
O4 SO4 B . -7.18 -3.17 18.12
S SO4 C . -7.43 12.01 16.17
O1 SO4 C . -6.26 12.43 16.94
O2 SO4 C . -7.98 10.79 16.73
O3 SO4 C . -7.02 11.77 14.79
O4 SO4 C . -8.45 13.05 16.21
S SO4 D . 18.17 -9.85 -1.85
O1 SO4 D . 17.33 -10.97 -2.30
O2 SO4 D . 18.27 -9.88 -0.38
O3 SO4 D . 19.51 -9.97 -2.42
O4 SO4 D . 17.55 -8.60 -2.27
S SO4 E . -10.00 -14.90 8.54
O1 SO4 E . -10.57 -15.91 9.42
O2 SO4 E . -8.90 -15.49 7.77
O3 SO4 E . -9.49 -13.78 9.35
O4 SO4 E . -11.03 -14.42 7.62
#